data_3LF1
#
_entry.id   3LF1
#
_cell.length_a   118.152
_cell.length_b   128.645
_cell.length_c   59.832
_cell.angle_alpha   90.000
_cell.angle_beta   90.000
_cell.angle_gamma   90.000
#
_symmetry.space_group_name_H-M   'C 2 2 21'
#
loop_
_entity.id
_entity.type
_entity.pdbx_description
1 polymer 'Short Chain Oxidoreductase Q9HYA2'
2 non-polymer 'CHLORIDE ION'
3 non-polymer 'MANGANESE (II) ION'
4 water water
#
_entity_poly.entity_id   1
_entity_poly.type   'polypeptide(L)'
_entity_poly.pdbx_seq_one_letter_code
;MKPYDLSEAVAVVTGGSSGIGLATVELLLEAGAAVAFCARDGERLRAAESALRQRFPGARLFASVCDVLDALQVRAFAEA
CERTLGCASILVNNAGQGRVSTFAETTDEAWSEELQLKFFSVIHPVRAFLPQLESRADAAIVCVNSLLASQPEPHMVATS
AARAGVKNLVRSMAFEFAPKGVRVNGILIGLVESGQWRRRFEAREERELDWAQWTAQLARNKQIPLGRLGKPIEAARAIL
FLASPLSAYTTGSHIDVSGGLSRHA
;
_entity_poly.pdbx_strand_id   A,B
#
loop_
_chem_comp.id
_chem_comp.type
_chem_comp.name
_chem_comp.formula
CL non-polymer 'CHLORIDE ION' 'Cl -1'
MN non-polymer 'MANGANESE (II) ION' 'Mn 2'
#
# COMPACT_ATOMS: atom_id res chain seq x y z
N TYR A 4 -3.96 -8.84 10.00
CA TYR A 4 -4.24 -8.67 11.42
C TYR A 4 -5.41 -9.54 11.85
N ASP A 5 -6.14 -9.09 12.86
CA ASP A 5 -7.24 -9.86 13.43
C ASP A 5 -8.56 -9.22 13.06
N LEU A 6 -9.27 -9.89 12.15
CA LEU A 6 -10.53 -9.39 11.65
C LEU A 6 -11.70 -10.24 12.13
N SER A 7 -11.50 -10.90 13.27
CA SER A 7 -12.52 -11.79 13.83
C SER A 7 -13.80 -11.04 14.19
N GLU A 8 -13.74 -9.72 14.30
CA GLU A 8 -14.93 -8.90 14.58
C GLU A 8 -15.42 -8.15 13.34
N ALA A 9 -14.78 -8.39 12.21
CA ALA A 9 -15.20 -7.73 10.97
C ALA A 9 -16.24 -8.53 10.17
N VAL A 10 -17.11 -7.81 9.47
CA VAL A 10 -18.00 -8.43 8.49
C VAL A 10 -17.68 -7.85 7.13
N ALA A 11 -17.14 -8.70 6.26
CA ALA A 11 -16.58 -8.28 4.98
C ALA A 11 -17.36 -8.83 3.79
N VAL A 12 -17.72 -7.95 2.88
CA VAL A 12 -18.51 -8.32 1.72
C VAL A 12 -17.66 -8.15 0.49
N VAL A 13 -17.65 -9.14 -0.38
CA VAL A 13 -16.85 -9.11 -1.61
C VAL A 13 -17.79 -9.32 -2.79
N THR A 14 -17.99 -8.28 -3.59
CA THR A 14 -18.88 -8.38 -4.75
C THR A 14 -18.09 -8.68 -6.01
N GLY A 15 -18.59 -9.61 -6.82
CA GLY A 15 -17.82 -10.20 -7.90
C GLY A 15 -16.69 -11.09 -7.39
N GLY A 16 -16.82 -11.54 -6.14
CA GLY A 16 -15.74 -12.25 -5.45
C GLY A 16 -15.73 -13.76 -5.58
N SER A 17 -15.71 -14.25 -6.81
CA SER A 17 -15.58 -15.68 -7.06
C SER A 17 -14.49 -15.93 -8.09
N SER A 18 -14.10 -14.87 -8.79
CA SER A 18 -13.00 -14.92 -9.76
C SER A 18 -11.68 -15.12 -9.01
N GLY A 19 -10.56 -15.19 -9.75
CA GLY A 19 -9.26 -15.42 -9.13
C GLY A 19 -8.97 -14.50 -7.94
N ILE A 20 -8.87 -13.20 -8.20
CA ILE A 20 -8.51 -12.25 -7.16
C ILE A 20 -9.55 -12.16 -6.06
N GLY A 21 -10.82 -12.17 -6.46
CA GLY A 21 -11.91 -12.10 -5.49
C GLY A 21 -11.91 -13.30 -4.55
N LEU A 22 -11.70 -14.49 -5.12
CA LEU A 22 -11.60 -15.73 -4.35
C LEU A 22 -10.43 -15.69 -3.37
N ALA A 23 -9.26 -15.31 -3.88
CA ALA A 23 -8.08 -15.20 -3.05
C ALA A 23 -8.37 -14.24 -1.89
N THR A 24 -9.09 -13.15 -2.17
CA THR A 24 -9.42 -12.16 -1.15
C THR A 24 -10.32 -12.74 -0.07
N VAL A 25 -11.32 -13.53 -0.47
CA VAL A 25 -12.20 -14.17 0.51
C VAL A 25 -11.41 -15.13 1.41
N GLU A 26 -10.51 -15.91 0.81
CA GLU A 26 -9.69 -16.84 1.57
C GLU A 26 -8.88 -16.13 2.67
N LEU A 27 -8.25 -15.01 2.32
CA LEU A 27 -7.43 -14.27 3.28
C LEU A 27 -8.30 -13.62 4.35
N LEU A 28 -9.47 -13.16 3.93
CA LEU A 28 -10.45 -12.64 4.85
C LEU A 28 -10.84 -13.69 5.87
N LEU A 29 -11.06 -14.93 5.41
CA LEU A 29 -11.42 -16.02 6.30
C LEU A 29 -10.23 -16.41 7.19
N GLU A 30 -9.04 -16.43 6.61
CA GLU A 30 -7.79 -16.63 7.35
C GLU A 30 -7.69 -15.69 8.55
N ALA A 31 -8.10 -14.43 8.36
CA ALA A 31 -8.06 -13.40 9.40
C ALA A 31 -9.22 -13.54 10.37
N GLY A 32 -10.13 -14.44 10.07
CA GLY A 32 -11.21 -14.75 10.99
C GLY A 32 -12.43 -13.87 10.83
N ALA A 33 -12.55 -13.21 9.67
CA ALA A 33 -13.72 -12.38 9.40
C ALA A 33 -14.95 -13.19 8.99
N ALA A 34 -16.13 -12.69 9.35
CA ALA A 34 -17.38 -13.15 8.75
C ALA A 34 -17.43 -12.59 7.33
N VAL A 35 -17.69 -13.44 6.33
CA VAL A 35 -17.60 -13.01 4.94
C VAL A 35 -18.86 -13.30 4.12
N ALA A 36 -19.30 -12.30 3.35
CA ALA A 36 -20.35 -12.48 2.35
C ALA A 36 -19.77 -12.20 0.97
N PHE A 37 -20.30 -12.86 -0.06
CA PHE A 37 -19.90 -12.56 -1.43
C PHE A 37 -20.98 -12.98 -2.43
N CYS A 38 -21.00 -12.31 -3.58
CA CYS A 38 -22.00 -12.60 -4.61
C CYS A 38 -21.34 -12.62 -5.99
N ALA A 39 -21.97 -13.33 -6.92
CA ALA A 39 -21.50 -13.34 -8.29
C ALA A 39 -22.66 -13.60 -9.23
N ARG A 40 -22.47 -13.30 -10.52
CA ARG A 40 -23.54 -13.53 -11.49
C ARG A 40 -23.69 -15.01 -11.77
N ASP A 41 -22.56 -15.69 -11.96
CA ASP A 41 -22.59 -17.12 -12.25
C ASP A 41 -22.84 -17.92 -10.97
N GLY A 42 -24.01 -18.56 -10.91
CA GLY A 42 -24.37 -19.37 -9.76
C GLY A 42 -23.48 -20.59 -9.64
N GLU A 43 -22.95 -21.05 -10.78
CA GLU A 43 -22.09 -22.22 -10.81
C GLU A 43 -20.74 -21.94 -10.16
N ARG A 44 -20.09 -20.89 -10.64
CA ARG A 44 -18.77 -20.51 -10.12
C ARG A 44 -18.82 -20.10 -8.64
N LEU A 45 -19.92 -19.44 -8.24
CA LEU A 45 -20.13 -19.08 -6.84
C LEU A 45 -20.16 -20.30 -5.89
N ARG A 46 -20.92 -21.33 -6.24
CA ARG A 46 -21.00 -22.54 -5.43
C ARG A 46 -19.73 -23.40 -5.51
N ALA A 47 -19.04 -23.34 -6.64
CA ALA A 47 -17.76 -24.04 -6.79
C ALA A 47 -16.69 -23.41 -5.89
N ALA A 48 -16.90 -22.15 -5.51
CA ALA A 48 -15.97 -21.47 -4.60
C ALA A 48 -16.40 -21.69 -3.16
N GLU A 49 -17.70 -21.59 -2.93
CA GLU A 49 -18.27 -21.81 -1.61
C GLU A 49 -17.87 -23.19 -1.08
N SER A 50 -17.88 -24.17 -1.98
CA SER A 50 -17.48 -25.54 -1.66
C SER A 50 -16.06 -25.62 -1.11
N ALA A 51 -15.10 -25.19 -1.92
CA ALA A 51 -13.69 -25.27 -1.55
C ALA A 51 -13.37 -24.44 -0.31
N LEU A 52 -14.00 -23.27 -0.20
CA LEU A 52 -13.83 -22.43 0.98
C LEU A 52 -14.26 -23.15 2.26
N ARG A 53 -15.43 -23.79 2.26
CA ARG A 53 -15.91 -24.46 3.46
C ARG A 53 -15.06 -25.68 3.81
N GLN A 54 -14.41 -26.26 2.80
CA GLN A 54 -13.45 -27.34 3.03
C GLN A 54 -12.25 -26.85 3.83
N ARG A 55 -11.76 -25.68 3.50
CA ARG A 55 -10.55 -25.15 4.14
C ARG A 55 -10.84 -24.49 5.48
N PHE A 56 -12.02 -23.89 5.61
CA PHE A 56 -12.38 -23.19 6.83
C PHE A 56 -13.69 -23.71 7.39
N PRO A 57 -13.63 -24.89 8.05
CA PRO A 57 -14.83 -25.55 8.57
C PRO A 57 -15.61 -24.68 9.55
N GLY A 58 -14.91 -23.79 10.26
CA GLY A 58 -15.57 -23.01 11.30
C GLY A 58 -15.84 -21.59 10.89
N ALA A 59 -15.82 -21.35 9.58
CA ALA A 59 -16.03 -20.01 9.02
C ALA A 59 -17.50 -19.59 8.99
N ARG A 60 -17.72 -18.31 9.22
CA ARG A 60 -19.02 -17.68 8.97
C ARG A 60 -19.04 -17.15 7.53
N LEU A 61 -19.74 -17.86 6.66
CA LEU A 61 -19.70 -17.54 5.25
C LEU A 61 -21.13 -17.48 4.69
N PHE A 62 -21.40 -16.52 3.82
CA PHE A 62 -22.70 -16.42 3.15
C PHE A 62 -22.53 -16.07 1.67
N ALA A 63 -22.84 -17.02 0.81
CA ALA A 63 -22.64 -16.83 -0.61
C ALA A 63 -24.00 -16.78 -1.28
N SER A 64 -24.12 -15.94 -2.31
CA SER A 64 -25.41 -15.69 -2.94
C SER A 64 -25.25 -15.14 -4.37
N VAL A 65 -25.99 -15.71 -5.31
CA VAL A 65 -26.01 -15.19 -6.66
C VAL A 65 -26.59 -13.79 -6.68
N CYS A 66 -25.95 -12.89 -7.43
CA CYS A 66 -26.40 -11.50 -7.53
C CYS A 66 -25.80 -10.81 -8.75
N ASP A 67 -26.61 -9.95 -9.38
CA ASP A 67 -26.14 -9.13 -10.48
C ASP A 67 -25.94 -7.72 -9.95
N VAL A 68 -24.68 -7.30 -9.80
CA VAL A 68 -24.39 -5.99 -9.21
C VAL A 68 -24.94 -4.84 -10.04
N LEU A 69 -25.29 -5.13 -11.29
CA LEU A 69 -25.88 -4.12 -12.17
C LEU A 69 -27.35 -3.91 -11.84
N ASP A 70 -27.95 -4.88 -11.17
CA ASP A 70 -29.35 -4.80 -10.77
C ASP A 70 -29.45 -4.18 -9.37
N ALA A 71 -29.78 -2.90 -9.31
CA ALA A 71 -29.83 -2.19 -8.02
C ALA A 71 -30.66 -2.98 -7.03
N LEU A 72 -31.74 -3.56 -7.53
CA LEU A 72 -32.72 -4.23 -6.70
C LEU A 72 -32.12 -5.44 -5.99
N GLN A 73 -31.47 -6.32 -6.76
CA GLN A 73 -30.84 -7.51 -6.21
C GLN A 73 -29.77 -7.14 -5.16
N VAL A 74 -28.97 -6.12 -5.47
CA VAL A 74 -27.93 -5.68 -4.54
C VAL A 74 -28.56 -5.25 -3.22
N ARG A 75 -29.67 -4.51 -3.29
CA ARG A 75 -30.43 -4.18 -2.09
C ARG A 75 -30.83 -5.42 -1.27
N ALA A 76 -31.34 -6.44 -1.97
CA ALA A 76 -31.78 -7.68 -1.33
C ALA A 76 -30.62 -8.46 -0.72
N PHE A 77 -29.52 -8.56 -1.46
CA PHE A 77 -28.29 -9.17 -0.96
C PHE A 77 -27.75 -8.44 0.27
N ALA A 78 -27.67 -7.12 0.21
CA ALA A 78 -27.18 -6.33 1.34
C ALA A 78 -28.05 -6.58 2.56
N GLU A 79 -29.36 -6.62 2.35
CA GLU A 79 -30.27 -6.88 3.44
C GLU A 79 -29.99 -8.26 4.02
N ALA A 80 -29.79 -9.23 3.13
CA ALA A 80 -29.58 -10.61 3.54
C ALA A 80 -28.28 -10.71 4.35
N CYS A 81 -27.26 -10.02 3.88
CA CYS A 81 -25.99 -9.97 4.58
C CYS A 81 -26.16 -9.47 6.01
N GLU A 82 -26.83 -8.33 6.17
CA GLU A 82 -27.04 -7.77 7.50
C GLU A 82 -27.75 -8.75 8.43
N ARG A 83 -28.88 -9.29 7.99
CA ARG A 83 -29.66 -10.22 8.81
C ARG A 83 -28.81 -11.40 9.24
N THR A 84 -28.00 -11.90 8.32
CA THR A 84 -27.23 -13.11 8.56
C THR A 84 -26.01 -12.85 9.44
N LEU A 85 -25.19 -11.88 9.03
CA LEU A 85 -23.85 -11.68 9.61
C LEU A 85 -23.76 -10.37 10.38
N GLY A 86 -24.73 -9.50 10.21
CA GLY A 86 -24.67 -8.17 10.81
C GLY A 86 -24.08 -7.12 9.88
N CYS A 87 -24.09 -5.88 10.32
CA CYS A 87 -23.65 -4.77 9.48
C CYS A 87 -22.24 -4.96 8.96
N ALA A 88 -22.08 -4.86 7.64
CA ALA A 88 -20.78 -4.93 7.01
C ALA A 88 -19.85 -3.82 7.51
N SER A 89 -18.59 -4.17 7.78
CA SER A 89 -17.58 -3.17 8.14
C SER A 89 -16.55 -3.02 7.01
N ILE A 90 -16.59 -3.95 6.06
CA ILE A 90 -15.65 -3.99 4.96
C ILE A 90 -16.40 -4.34 3.67
N LEU A 91 -16.12 -3.57 2.60
CA LEU A 91 -16.70 -3.81 1.28
C LEU A 91 -15.61 -3.82 0.21
N VAL A 92 -15.51 -4.93 -0.54
CA VAL A 92 -14.56 -5.02 -1.64
C VAL A 92 -15.31 -5.25 -2.95
N ASN A 93 -15.03 -4.42 -3.95
CA ASN A 93 -15.63 -4.58 -5.29
C ASN A 93 -14.57 -5.01 -6.28
N ASN A 94 -14.78 -6.17 -6.88
CA ASN A 94 -13.78 -6.72 -7.79
C ASN A 94 -13.70 -5.96 -9.11
N ALA A 95 -12.54 -6.05 -9.76
CA ALA A 95 -12.26 -5.30 -10.97
C ALA A 95 -13.08 -5.76 -12.18
N GLY A 96 -13.34 -7.06 -12.27
CA GLY A 96 -13.94 -7.61 -13.47
C GLY A 96 -12.84 -7.77 -14.52
N GLN A 97 -13.20 -8.22 -15.71
CA GLN A 97 -12.18 -8.42 -16.72
C GLN A 97 -12.16 -7.28 -17.75
N GLY A 98 -10.98 -7.07 -18.33
CA GLY A 98 -10.83 -6.05 -19.34
C GLY A 98 -11.43 -6.49 -20.66
N ARG A 99 -11.71 -5.51 -21.51
CA ARG A 99 -12.29 -5.74 -22.82
C ARG A 99 -11.24 -5.41 -23.86
N VAL A 100 -10.97 -6.35 -24.76
CA VAL A 100 -9.98 -6.15 -25.81
C VAL A 100 -10.59 -5.45 -27.01
N SER A 101 -10.24 -4.18 -27.19
CA SER A 101 -10.70 -3.43 -28.34
C SER A 101 -9.94 -2.12 -28.45
N THR A 102 -9.61 -1.73 -29.68
CA THR A 102 -9.08 -0.40 -29.97
C THR A 102 -10.29 0.53 -30.07
N PHE A 103 -10.06 1.83 -30.20
CA PHE A 103 -11.17 2.77 -30.34
C PHE A 103 -11.98 2.41 -31.58
N ALA A 104 -11.27 2.16 -32.68
CA ALA A 104 -11.92 1.80 -33.93
C ALA A 104 -12.81 0.56 -33.79
N GLU A 105 -12.39 -0.40 -32.96
CA GLU A 105 -13.14 -1.65 -32.77
C GLU A 105 -14.28 -1.59 -31.75
N THR A 106 -14.48 -0.43 -31.12
CA THR A 106 -15.45 -0.32 -30.04
C THR A 106 -16.72 0.39 -30.51
N THR A 107 -17.83 -0.32 -30.51
CA THR A 107 -19.11 0.26 -30.91
C THR A 107 -19.68 1.09 -29.77
N ASP A 108 -20.78 1.79 -30.04
CA ASP A 108 -21.47 2.49 -28.94
C ASP A 108 -21.98 1.52 -27.91
N GLU A 109 -22.40 0.34 -28.37
CA GLU A 109 -22.97 -0.69 -27.50
C GLU A 109 -21.91 -1.22 -26.54
N ALA A 110 -20.73 -1.51 -27.07
CA ALA A 110 -19.64 -1.96 -26.21
C ALA A 110 -19.25 -0.88 -25.20
N TRP A 111 -19.15 0.39 -25.64
CA TRP A 111 -18.85 1.49 -24.73
C TRP A 111 -19.81 1.56 -23.54
N SER A 112 -21.11 1.50 -23.82
CA SER A 112 -22.12 1.65 -22.79
C SER A 112 -22.05 0.51 -21.81
N GLU A 113 -21.87 -0.70 -22.35
CA GLU A 113 -21.77 -1.88 -21.51
C GLU A 113 -20.55 -1.78 -20.61
N GLU A 114 -19.41 -1.47 -21.19
CA GLU A 114 -18.17 -1.42 -20.42
C GLU A 114 -18.26 -0.36 -19.33
N LEU A 115 -18.91 0.75 -19.64
CA LEU A 115 -19.02 1.86 -18.69
C LEU A 115 -19.93 1.51 -17.51
N GLN A 116 -21.12 1.00 -17.81
CA GLN A 116 -22.08 0.61 -16.79
C GLN A 116 -21.54 -0.53 -15.93
N LEU A 117 -20.81 -1.41 -16.57
CA LEU A 117 -20.21 -2.54 -15.88
C LEU A 117 -19.24 -2.05 -14.80
N LYS A 118 -18.31 -1.18 -15.19
CA LYS A 118 -17.25 -0.73 -14.27
C LYS A 118 -17.77 0.25 -13.24
N PHE A 119 -18.73 1.08 -13.64
CA PHE A 119 -19.27 2.08 -12.73
C PHE A 119 -20.30 1.53 -11.75
N PHE A 120 -21.34 0.86 -12.26
CA PHE A 120 -22.41 0.41 -11.36
C PHE A 120 -22.01 -0.77 -10.48
N SER A 121 -20.97 -1.50 -10.87
CA SER A 121 -20.44 -2.57 -10.04
C SER A 121 -19.85 -1.99 -8.74
N VAL A 122 -19.59 -0.69 -8.75
CA VAL A 122 -19.09 0.03 -7.58
C VAL A 122 -20.19 0.86 -6.93
N ILE A 123 -20.96 1.53 -7.77
CA ILE A 123 -21.99 2.45 -7.30
C ILE A 123 -23.07 1.72 -6.51
N HIS A 124 -23.52 0.58 -7.01
CA HIS A 124 -24.59 -0.15 -6.35
C HIS A 124 -24.19 -0.72 -4.97
N PRO A 125 -23.15 -1.54 -4.92
CA PRO A 125 -22.76 -2.10 -3.62
C PRO A 125 -22.48 -0.99 -2.62
N VAL A 126 -21.75 0.03 -3.06
CA VAL A 126 -21.41 1.14 -2.18
C VAL A 126 -22.68 1.78 -1.61
N ARG A 127 -23.61 2.13 -2.48
CA ARG A 127 -24.84 2.80 -2.05
C ARG A 127 -25.65 1.92 -1.10
N ALA A 128 -25.68 0.63 -1.38
CA ALA A 128 -26.46 -0.33 -0.60
C ALA A 128 -25.85 -0.62 0.77
N PHE A 129 -24.52 -0.65 0.84
CA PHE A 129 -23.85 -1.05 2.09
C PHE A 129 -23.37 0.11 2.94
N LEU A 130 -23.33 1.29 2.35
CA LEU A 130 -22.85 2.48 3.05
C LEU A 130 -23.53 2.70 4.42
N PRO A 131 -24.87 2.59 4.48
CA PRO A 131 -25.58 2.72 5.76
C PRO A 131 -25.13 1.67 6.77
N GLN A 132 -24.57 0.56 6.30
CA GLN A 132 -23.95 -0.43 7.17
C GLN A 132 -22.53 -0.04 7.60
N LEU A 133 -21.69 0.34 6.65
CA LEU A 133 -20.32 0.74 6.96
C LEU A 133 -20.32 1.90 7.96
N GLU A 134 -21.27 2.82 7.80
CA GLU A 134 -21.35 4.00 8.64
C GLU A 134 -21.49 3.68 10.13
N SER A 135 -22.21 2.61 10.44
CA SER A 135 -22.41 2.23 11.84
C SER A 135 -21.33 1.30 12.38
N ARG A 136 -20.37 0.92 11.53
CA ARG A 136 -19.27 0.06 11.94
C ARG A 136 -17.99 0.86 12.16
N ALA A 137 -17.18 0.39 13.10
CA ALA A 137 -15.87 0.96 13.35
C ALA A 137 -14.86 0.36 12.39
N ASP A 138 -13.77 1.07 12.13
CA ASP A 138 -12.76 0.59 11.20
C ASP A 138 -13.34 0.25 9.82
N ALA A 139 -14.37 1.00 9.40
CA ALA A 139 -15.01 0.72 8.12
C ALA A 139 -14.15 1.10 6.91
N ALA A 140 -14.12 0.27 5.88
CA ALA A 140 -13.24 0.51 4.74
C ALA A 140 -13.80 -0.13 3.49
N ILE A 141 -13.70 0.60 2.39
CA ILE A 141 -14.05 0.10 1.06
C ILE A 141 -12.79 0.00 0.20
N VAL A 142 -12.76 -1.00 -0.68
CA VAL A 142 -11.67 -1.16 -1.64
C VAL A 142 -12.26 -1.48 -3.01
N CYS A 143 -11.94 -0.64 -3.99
CA CYS A 143 -12.44 -0.87 -5.35
C CYS A 143 -11.30 -1.37 -6.21
N VAL A 144 -11.37 -2.63 -6.60
CA VAL A 144 -10.26 -3.23 -7.34
C VAL A 144 -10.20 -2.66 -8.74
N ASN A 145 -8.99 -2.32 -9.19
CA ASN A 145 -8.84 -1.60 -10.44
C ASN A 145 -7.55 -2.09 -11.11
N SER A 146 -7.26 -1.59 -12.31
CA SER A 146 -6.02 -1.96 -12.98
C SER A 146 -5.25 -0.74 -13.39
N LEU A 147 -3.96 -0.96 -13.67
CA LEU A 147 -3.06 0.13 -14.03
C LEU A 147 -3.53 0.92 -15.26
N LEU A 148 -4.43 0.32 -16.04
CA LEU A 148 -5.00 0.99 -17.23
C LEU A 148 -5.63 2.33 -16.87
N ALA A 149 -6.03 2.48 -15.61
CA ALA A 149 -6.71 3.68 -15.16
C ALA A 149 -5.81 4.91 -15.20
N SER A 150 -4.51 4.69 -15.08
CA SER A 150 -3.57 5.79 -15.12
C SER A 150 -2.52 5.60 -16.21
N GLN A 151 -2.46 4.39 -16.79
CA GLN A 151 -1.57 4.13 -17.91
C GLN A 151 -2.25 3.24 -18.94
N PRO A 152 -3.03 3.86 -19.84
CA PRO A 152 -3.87 3.16 -20.82
C PRO A 152 -3.07 2.27 -21.76
N GLU A 153 -3.66 1.18 -22.27
CA GLU A 153 -3.03 0.34 -23.28
C GLU A 153 -3.86 0.35 -24.57
N PRO A 154 -3.18 0.38 -25.72
CA PRO A 154 -3.78 0.54 -27.05
C PRO A 154 -4.90 -0.48 -27.33
N HIS A 155 -4.78 -1.71 -26.82
CA HIS A 155 -5.82 -2.69 -27.15
C HIS A 155 -6.95 -2.81 -26.12
N MET A 156 -7.02 -1.88 -25.17
CA MET A 156 -8.08 -1.86 -24.19
C MET A 156 -8.53 -0.43 -23.86
N VAL A 157 -8.94 0.27 -24.91
CA VAL A 157 -9.28 1.70 -24.84
C VAL A 157 -10.49 1.98 -23.97
N ALA A 158 -11.59 1.29 -24.22
CA ALA A 158 -12.84 1.52 -23.46
C ALA A 158 -12.64 1.20 -21.99
N THR A 159 -12.06 0.04 -21.73
CA THR A 159 -11.78 -0.40 -20.37
C THR A 159 -10.85 0.60 -19.67
N SER A 160 -9.76 1.00 -20.32
CA SER A 160 -8.85 1.98 -19.74
C SER A 160 -9.60 3.22 -19.23
N ALA A 161 -10.52 3.74 -20.03
CA ALA A 161 -11.22 4.99 -19.74
C ALA A 161 -12.25 4.85 -18.61
N ALA A 162 -12.99 3.74 -18.62
CA ALA A 162 -13.93 3.42 -17.55
C ALA A 162 -13.18 3.30 -16.22
N ARG A 163 -12.07 2.57 -16.24
CA ARG A 163 -11.26 2.37 -15.04
C ARG A 163 -10.67 3.70 -14.51
N ALA A 164 -10.36 4.63 -15.40
CA ALA A 164 -9.93 5.96 -14.98
C ALA A 164 -11.05 6.67 -14.23
N GLY A 165 -12.28 6.54 -14.74
CA GLY A 165 -13.43 7.13 -14.07
C GLY A 165 -13.59 6.60 -12.66
N VAL A 166 -13.60 5.28 -12.52
CA VAL A 166 -13.75 4.64 -11.23
C VAL A 166 -12.63 5.08 -10.28
N LYS A 167 -11.40 5.13 -10.79
CA LYS A 167 -10.28 5.63 -9.99
C LYS A 167 -10.55 7.04 -9.44
N ASN A 168 -11.23 7.87 -10.24
CA ASN A 168 -11.48 9.26 -9.85
C ASN A 168 -12.60 9.26 -8.82
N LEU A 169 -13.56 8.36 -9.04
CA LEU A 169 -14.66 8.14 -8.11
C LEU A 169 -14.19 7.70 -6.72
N VAL A 170 -13.23 6.78 -6.65
CA VAL A 170 -12.64 6.37 -5.38
C VAL A 170 -12.15 7.56 -4.54
N ARG A 171 -11.49 8.52 -5.20
CA ARG A 171 -11.03 9.71 -4.50
C ARG A 171 -12.20 10.51 -3.93
N SER A 172 -13.22 10.75 -4.75
CA SER A 172 -14.42 11.46 -4.29
C SER A 172 -15.12 10.76 -3.12
N MET A 173 -15.33 9.45 -3.25
CA MET A 173 -15.99 8.68 -2.19
C MET A 173 -15.18 8.75 -0.90
N ALA A 174 -13.86 8.63 -1.03
CA ALA A 174 -12.96 8.78 0.10
C ALA A 174 -13.25 10.08 0.85
N PHE A 175 -13.39 11.17 0.11
CA PHE A 175 -13.59 12.48 0.72
C PHE A 175 -14.98 12.62 1.33
N GLU A 176 -15.98 12.12 0.60
CA GLU A 176 -17.36 12.25 1.01
C GLU A 176 -17.67 11.39 2.23
N PHE A 177 -17.03 10.22 2.31
CA PHE A 177 -17.38 9.22 3.32
C PHE A 177 -16.50 9.37 4.56
N ALA A 178 -15.45 10.19 4.46
CA ALA A 178 -14.60 10.38 5.61
C ALA A 178 -15.39 10.76 6.89
N PRO A 179 -16.31 11.74 6.80
CA PRO A 179 -17.08 12.12 8.01
C PRO A 179 -17.96 10.98 8.55
N LYS A 180 -18.23 9.98 7.72
CA LYS A 180 -18.93 8.78 8.17
C LYS A 180 -17.99 7.69 8.70
N GLY A 181 -16.69 7.99 8.78
CA GLY A 181 -15.75 7.08 9.38
C GLY A 181 -15.42 5.93 8.45
N VAL A 182 -15.69 6.12 7.17
CA VAL A 182 -15.39 5.10 6.17
C VAL A 182 -14.22 5.48 5.25
N ARG A 183 -13.14 4.70 5.30
CA ARG A 183 -12.03 4.86 4.37
C ARG A 183 -12.36 4.22 3.00
N VAL A 184 -11.79 4.78 1.93
CA VAL A 184 -12.02 4.26 0.59
C VAL A 184 -10.73 4.30 -0.22
N ASN A 185 -10.25 3.14 -0.64
CA ASN A 185 -9.05 3.04 -1.44
C ASN A 185 -9.26 2.02 -2.56
N GLY A 186 -8.25 1.88 -3.41
CA GLY A 186 -8.27 0.85 -4.42
C GLY A 186 -6.88 0.31 -4.71
N ILE A 187 -6.80 -0.62 -5.67
CA ILE A 187 -5.52 -1.09 -6.11
C ILE A 187 -5.42 -1.02 -7.63
N LEU A 188 -4.19 -1.03 -8.14
CA LEU A 188 -3.96 -1.01 -9.58
C LEU A 188 -3.22 -2.27 -9.98
N ILE A 189 -3.93 -3.28 -10.43
CA ILE A 189 -3.25 -4.52 -10.81
C ILE A 189 -2.58 -4.35 -12.15
N GLY A 190 -1.47 -5.06 -12.32
CA GLY A 190 -0.87 -5.24 -13.63
C GLY A 190 -1.48 -6.48 -14.25
N LEU A 191 -0.64 -7.29 -14.89
CA LEU A 191 -1.08 -8.55 -15.49
C LEU A 191 -1.02 -9.65 -14.43
N VAL A 192 -2.19 -10.23 -14.13
CA VAL A 192 -2.34 -11.20 -13.06
C VAL A 192 -2.79 -12.56 -13.60
N GLU A 193 -2.19 -13.64 -13.09
CA GLU A 193 -2.58 -14.99 -13.49
C GLU A 193 -4.08 -15.21 -13.38
N SER A 194 -4.66 -15.84 -14.39
CA SER A 194 -6.08 -16.09 -14.41
C SER A 194 -6.39 -17.24 -15.36
N GLY A 195 -7.62 -17.74 -15.30
CA GLY A 195 -8.08 -18.72 -16.26
C GLY A 195 -7.88 -18.23 -17.67
N GLN A 196 -8.22 -16.96 -17.89
CA GLN A 196 -8.06 -16.33 -19.20
C GLN A 196 -6.65 -16.48 -19.77
N TRP A 197 -5.64 -16.19 -18.95
CA TRP A 197 -4.23 -16.40 -19.31
C TRP A 197 -3.90 -17.89 -19.47
N ARG A 198 -4.56 -18.75 -18.70
CA ARG A 198 -4.35 -20.20 -18.84
C ARG A 198 -4.88 -20.71 -20.18
N ARG A 199 -5.99 -20.13 -20.63
CA ARG A 199 -6.51 -20.49 -21.95
C ARG A 199 -5.58 -19.98 -23.06
N ARG A 200 -4.98 -18.82 -22.83
CA ARG A 200 -3.98 -18.30 -23.74
C ARG A 200 -2.78 -19.22 -23.80
N PHE A 201 -2.27 -19.61 -22.64
CA PHE A 201 -1.16 -20.55 -22.57
C PHE A 201 -1.50 -21.85 -23.29
N GLU A 202 -2.75 -22.30 -23.13
CA GLU A 202 -3.21 -23.53 -23.77
C GLU A 202 -3.12 -23.47 -25.29
N ALA A 203 -3.33 -22.28 -25.85
CA ALA A 203 -3.31 -22.08 -27.30
C ALA A 203 -1.97 -21.54 -27.81
N ARG A 204 -0.91 -21.77 -27.05
CA ARG A 204 0.41 -21.28 -27.45
C ARG A 204 0.98 -22.05 -28.63
N GLU A 205 1.86 -21.38 -29.39
CA GLU A 205 2.54 -22.00 -30.51
C GLU A 205 3.80 -22.73 -30.05
N GLU A 206 4.37 -22.27 -28.93
CA GLU A 206 5.58 -22.88 -28.39
C GLU A 206 5.21 -23.93 -27.32
N ARG A 207 4.90 -25.13 -27.79
CA ARG A 207 4.41 -26.20 -26.94
C ARG A 207 5.43 -26.72 -25.94
N GLU A 208 6.72 -26.53 -26.24
CA GLU A 208 7.78 -27.03 -25.38
C GLU A 208 7.91 -26.20 -24.10
N LEU A 209 7.30 -25.02 -24.10
CA LEU A 209 7.28 -24.15 -22.92
C LEU A 209 6.16 -24.53 -21.95
N ASP A 210 6.50 -24.62 -20.67
CA ASP A 210 5.48 -24.83 -19.64
C ASP A 210 4.92 -23.49 -19.14
N TRP A 211 3.92 -23.57 -18.26
CA TRP A 211 3.24 -22.42 -17.72
C TRP A 211 4.21 -21.40 -17.15
N ALA A 212 5.25 -21.87 -16.49
CA ALA A 212 6.21 -20.98 -15.86
C ALA A 212 7.08 -20.26 -16.89
N GLN A 213 7.58 -21.00 -17.88
CA GLN A 213 8.39 -20.42 -18.97
C GLN A 213 7.58 -19.52 -19.89
N TRP A 214 6.36 -19.94 -20.18
CA TRP A 214 5.49 -19.18 -21.07
C TRP A 214 5.17 -17.83 -20.43
N THR A 215 4.62 -17.87 -19.22
CA THR A 215 4.26 -16.64 -18.52
C THR A 215 5.47 -15.74 -18.33
N ALA A 216 6.63 -16.37 -18.20
CA ALA A 216 7.88 -15.64 -18.04
C ALA A 216 8.19 -14.86 -19.30
N GLN A 217 8.08 -15.53 -20.44
CA GLN A 217 8.34 -14.90 -21.72
C GLN A 217 7.31 -13.79 -21.99
N LEU A 218 6.07 -14.06 -21.62
CA LEU A 218 4.98 -13.12 -21.81
C LEU A 218 5.25 -11.87 -20.99
N ALA A 219 5.76 -12.05 -19.79
CA ALA A 219 6.06 -10.91 -18.93
C ALA A 219 7.22 -10.10 -19.50
N ARG A 220 8.15 -10.79 -20.14
CA ARG A 220 9.26 -10.10 -20.78
C ARG A 220 8.79 -9.28 -21.98
N ASN A 221 7.91 -9.87 -22.80
CA ASN A 221 7.36 -9.09 -23.92
C ASN A 221 6.48 -7.94 -23.44
N LYS A 222 5.90 -8.09 -22.25
CA LYS A 222 5.11 -7.04 -21.64
C LYS A 222 5.97 -6.06 -20.84
N GLN A 223 7.28 -6.29 -20.86
CA GLN A 223 8.26 -5.41 -20.21
C GLN A 223 7.96 -5.18 -18.74
N ILE A 224 7.56 -6.24 -18.06
CA ILE A 224 7.32 -6.18 -16.63
C ILE A 224 8.64 -6.39 -15.90
N PRO A 225 9.12 -5.35 -15.21
CA PRO A 225 10.38 -5.38 -14.46
C PRO A 225 10.58 -6.66 -13.65
N LEU A 226 9.57 -7.05 -12.87
CA LEU A 226 9.67 -8.24 -12.03
C LEU A 226 9.72 -9.55 -12.83
N GLY A 227 9.47 -9.49 -14.13
CA GLY A 227 9.69 -10.62 -15.01
C GLY A 227 8.78 -11.81 -14.79
N ARG A 228 7.52 -11.55 -14.41
CA ARG A 228 6.51 -12.60 -14.22
C ARG A 228 5.14 -11.98 -14.06
N LEU A 229 4.11 -12.79 -14.23
CA LEU A 229 2.74 -12.38 -13.95
C LEU A 229 2.52 -12.30 -12.43
N GLY A 230 1.57 -11.47 -12.01
CA GLY A 230 1.21 -11.41 -10.60
C GLY A 230 0.38 -12.63 -10.23
N LYS A 231 0.31 -12.93 -8.94
CA LYS A 231 -0.57 -13.99 -8.45
C LYS A 231 -1.75 -13.36 -7.73
N PRO A 232 -2.95 -13.91 -7.97
CA PRO A 232 -4.18 -13.39 -7.35
C PRO A 232 -3.99 -13.12 -5.87
N ILE A 233 -3.31 -14.02 -5.17
CA ILE A 233 -3.08 -13.83 -3.73
C ILE A 233 -2.30 -12.53 -3.42
N GLU A 234 -1.43 -12.10 -4.35
CA GLU A 234 -0.68 -10.84 -4.21
C GLU A 234 -1.58 -9.62 -4.33
N ALA A 235 -2.50 -9.62 -5.29
CA ALA A 235 -3.52 -8.60 -5.31
C ALA A 235 -4.31 -8.62 -4.01
N ALA A 236 -4.69 -9.83 -3.59
CA ALA A 236 -5.52 -10.01 -2.40
C ALA A 236 -4.83 -9.43 -1.17
N ARG A 237 -3.52 -9.59 -1.13
CA ARG A 237 -2.76 -9.10 0.03
C ARG A 237 -2.79 -7.57 0.16
N ALA A 238 -2.80 -6.87 -0.96
CA ALA A 238 -2.89 -5.41 -0.96
C ALA A 238 -4.30 -4.96 -0.60
N ILE A 239 -5.27 -5.72 -1.07
CA ILE A 239 -6.67 -5.45 -0.72
C ILE A 239 -6.90 -5.59 0.80
N LEU A 240 -6.41 -6.67 1.39
CA LEU A 240 -6.48 -6.89 2.82
C LEU A 240 -5.83 -5.75 3.62
N PHE A 241 -4.61 -5.39 3.26
CA PHE A 241 -3.98 -4.22 3.84
C PHE A 241 -4.93 -2.99 3.87
N LEU A 242 -5.52 -2.66 2.72
CA LEU A 242 -6.43 -1.50 2.63
C LEU A 242 -7.75 -1.67 3.41
N ALA A 243 -8.26 -2.89 3.44
CA ALA A 243 -9.52 -3.19 4.07
C ALA A 243 -9.43 -3.18 5.60
N SER A 244 -8.22 -3.41 6.12
CA SER A 244 -8.02 -3.65 7.55
C SER A 244 -7.52 -2.39 8.23
N PRO A 245 -7.56 -2.37 9.57
CA PRO A 245 -7.10 -1.22 10.37
C PRO A 245 -5.60 -0.97 10.20
N LEU A 246 -4.92 -1.91 9.55
CA LEU A 246 -3.49 -1.75 9.30
C LEU A 246 -3.19 -0.48 8.53
N SER A 247 -4.16 -0.04 7.73
CA SER A 247 -4.01 1.16 6.91
C SER A 247 -4.94 2.30 7.37
N ALA A 248 -5.09 2.43 8.68
CA ALA A 248 -6.09 3.33 9.25
C ALA A 248 -5.90 4.80 8.86
N TYR A 249 -4.71 5.16 8.39
CA TYR A 249 -4.45 6.55 8.02
C TYR A 249 -4.38 6.72 6.50
N THR A 250 -4.98 5.78 5.76
CA THR A 250 -4.93 5.79 4.32
C THR A 250 -6.34 5.81 3.73
N THR A 251 -6.64 6.86 2.97
CA THR A 251 -7.93 6.94 2.30
C THR A 251 -7.79 7.77 1.01
N GLY A 252 -8.57 7.42 0.00
CA GLY A 252 -8.50 8.09 -1.28
C GLY A 252 -7.23 7.85 -2.07
N SER A 253 -6.59 6.70 -1.86
CA SER A 253 -5.34 6.37 -2.52
C SER A 253 -5.42 5.03 -3.22
N HIS A 254 -4.33 4.64 -3.89
CA HIS A 254 -4.27 3.37 -4.61
C HIS A 254 -2.92 2.70 -4.34
N ILE A 255 -2.89 1.39 -4.43
CA ILE A 255 -1.65 0.67 -4.25
C ILE A 255 -1.34 0.02 -5.57
N ASP A 256 -0.10 0.18 -6.00
CA ASP A 256 0.35 -0.37 -7.27
C ASP A 256 0.66 -1.88 -7.09
N VAL A 257 0.00 -2.73 -7.87
CA VAL A 257 0.32 -4.15 -7.87
C VAL A 257 0.56 -4.64 -9.32
N SER A 258 1.53 -4.04 -9.98
CA SER A 258 1.71 -4.29 -11.42
C SER A 258 3.11 -4.84 -11.73
N GLY A 259 3.89 -5.08 -10.69
CA GLY A 259 5.23 -5.60 -10.89
C GLY A 259 6.18 -4.60 -11.53
N GLY A 260 5.90 -3.30 -11.39
CA GLY A 260 6.78 -2.26 -11.90
C GLY A 260 6.40 -1.68 -13.25
N LEU A 261 5.17 -1.93 -13.68
CA LEU A 261 4.72 -1.45 -14.99
C LEU A 261 4.52 0.05 -15.10
N SER A 262 4.22 0.72 -14.00
CA SER A 262 3.92 2.14 -14.11
C SER A 262 5.15 2.98 -14.38
N ARG A 263 5.21 3.55 -15.55
CA ARG A 263 6.34 4.40 -15.91
C ARG A 263 6.37 5.75 -15.18
N HIS A 264 5.22 6.20 -14.68
CA HIS A 264 5.09 7.54 -14.10
C HIS A 264 5.68 7.57 -12.69
N ALA A 265 6.30 8.69 -12.32
CA ALA A 265 6.81 8.88 -10.96
C ALA A 265 6.25 10.17 -10.41
N TYR B 4 3.85 -10.34 9.35
CA TYR B 4 4.26 -11.56 8.65
C TYR B 4 5.48 -12.22 9.31
N ASP B 5 5.98 -13.29 8.72
CA ASP B 5 7.10 -14.03 9.31
C ASP B 5 8.41 -13.56 8.72
N LEU B 6 9.08 -12.66 9.43
CA LEU B 6 10.31 -12.09 8.94
C LEU B 6 11.52 -12.69 9.68
N SER B 7 11.30 -13.82 10.36
CA SER B 7 12.34 -14.47 11.16
C SER B 7 13.67 -14.72 10.43
N GLU B 8 13.61 -14.85 9.11
CA GLU B 8 14.81 -15.10 8.33
C GLU B 8 15.35 -13.84 7.67
N ALA B 9 14.75 -12.70 8.00
CA ALA B 9 15.15 -11.43 7.41
C ALA B 9 16.16 -10.68 8.27
N VAL B 10 16.99 -9.88 7.60
CA VAL B 10 17.85 -8.93 8.28
C VAL B 10 17.49 -7.55 7.76
N ALA B 11 16.93 -6.73 8.65
CA ALA B 11 16.40 -5.42 8.26
C ALA B 11 17.24 -4.30 8.83
N VAL B 12 17.50 -3.31 7.97
CA VAL B 12 18.25 -2.14 8.36
C VAL B 12 17.38 -0.87 8.29
N VAL B 13 17.42 -0.06 9.34
CA VAL B 13 16.63 1.17 9.42
C VAL B 13 17.54 2.37 9.69
N THR B 14 17.76 3.20 8.67
CA THR B 14 18.61 4.38 8.83
C THR B 14 17.77 5.59 9.26
N GLY B 15 18.27 6.30 10.27
CA GLY B 15 17.51 7.38 10.89
C GLY B 15 16.36 6.80 11.70
N GLY B 16 16.58 5.60 12.24
CA GLY B 16 15.52 4.87 12.93
C GLY B 16 15.62 4.90 14.44
N SER B 17 15.63 6.09 15.01
CA SER B 17 15.65 6.23 16.46
C SER B 17 14.51 7.11 16.96
N SER B 18 13.88 7.85 16.04
CA SER B 18 12.75 8.73 16.35
C SER B 18 11.42 8.01 16.13
N GLY B 19 10.34 8.78 15.98
CA GLY B 19 9.00 8.22 16.02
C GLY B 19 8.75 7.07 15.06
N ILE B 20 8.71 7.42 13.78
CA ILE B 20 8.47 6.49 12.69
C ILE B 20 9.57 5.43 12.57
N GLY B 21 10.83 5.86 12.73
CA GLY B 21 11.94 4.92 12.72
C GLY B 21 11.77 3.83 13.76
N LEU B 22 11.51 4.26 14.99
CA LEU B 22 11.43 3.37 16.13
C LEU B 22 10.27 2.39 15.97
N ALA B 23 9.11 2.96 15.64
CA ALA B 23 7.91 2.17 15.44
C ALA B 23 8.16 1.08 14.41
N THR B 24 8.90 1.41 13.36
CA THR B 24 9.26 0.45 12.31
C THR B 24 10.15 -0.66 12.88
N VAL B 25 11.21 -0.28 13.57
CA VAL B 25 12.09 -1.26 14.20
C VAL B 25 11.29 -2.23 15.09
N GLU B 26 10.36 -1.69 15.88
CA GLU B 26 9.49 -2.49 16.75
C GLU B 26 8.69 -3.51 15.96
N LEU B 27 8.06 -3.08 14.87
CA LEU B 27 7.27 -4.00 14.05
C LEU B 27 8.14 -5.07 13.41
N LEU B 28 9.36 -4.69 13.03
CA LEU B 28 10.30 -5.67 12.50
C LEU B 28 10.65 -6.73 13.55
N LEU B 29 10.93 -6.28 14.76
CA LEU B 29 11.23 -7.22 15.85
C LEU B 29 10.03 -8.12 16.15
N GLU B 30 8.83 -7.53 16.13
CA GLU B 30 7.58 -8.30 16.30
C GLU B 30 7.48 -9.44 15.30
N ALA B 31 7.98 -9.21 14.09
CA ALA B 31 7.91 -10.19 13.02
C ALA B 31 9.10 -11.14 13.11
N GLY B 32 9.86 -11.04 14.20
CA GLY B 32 11.02 -11.89 14.42
C GLY B 32 12.24 -11.63 13.55
N ALA B 33 12.30 -10.45 12.93
CA ALA B 33 13.45 -10.12 12.11
C ALA B 33 14.68 -9.75 12.94
N ALA B 34 15.87 -10.04 12.43
CA ALA B 34 17.07 -9.46 12.98
C ALA B 34 17.08 -8.02 12.46
N VAL B 35 17.40 -7.06 13.34
CA VAL B 35 17.29 -5.65 12.98
C VAL B 35 18.53 -4.82 13.35
N ALA B 36 18.93 -3.94 12.44
CA ALA B 36 20.00 -2.97 12.70
C ALA B 36 19.47 -1.57 12.46
N PHE B 37 19.94 -0.61 13.24
CA PHE B 37 19.54 0.77 13.00
C PHE B 37 20.59 1.77 13.44
N CYS B 38 20.61 2.92 12.80
CA CYS B 38 21.62 3.91 13.12
C CYS B 38 20.99 5.30 13.13
N ALA B 39 21.67 6.23 13.78
CA ALA B 39 21.20 7.62 13.85
C ALA B 39 22.34 8.47 14.35
N ARG B 40 22.14 9.79 14.35
CA ARG B 40 23.22 10.70 14.73
C ARG B 40 23.31 10.90 16.25
N ASP B 41 22.16 10.92 16.91
CA ASP B 41 22.07 11.13 18.36
C ASP B 41 22.26 9.81 19.09
N GLY B 42 23.49 9.56 19.55
CA GLY B 42 23.80 8.33 20.23
C GLY B 42 22.95 8.07 21.47
N GLU B 43 22.62 9.13 22.20
CA GLU B 43 21.86 8.97 23.43
C GLU B 43 20.47 8.47 23.16
N ARG B 44 19.83 9.07 22.17
CA ARG B 44 18.49 8.66 21.75
C ARG B 44 18.53 7.23 21.21
N LEU B 45 19.60 6.93 20.48
CA LEU B 45 19.79 5.59 19.90
C LEU B 45 19.93 4.52 21.00
N ARG B 46 20.85 4.73 21.94
CA ARG B 46 21.03 3.80 23.05
C ARG B 46 19.77 3.70 23.94
N ALA B 47 19.06 4.81 24.09
CA ALA B 47 17.79 4.80 24.80
C ALA B 47 16.77 3.94 24.08
N ALA B 48 16.70 4.04 22.76
CA ALA B 48 15.75 3.22 22.00
C ALA B 48 16.18 1.76 22.08
N GLU B 49 17.48 1.51 21.95
CA GLU B 49 18.00 0.15 21.99
C GLU B 49 17.57 -0.54 23.27
N SER B 50 17.85 0.11 24.39
CA SER B 50 17.47 -0.38 25.71
C SER B 50 16.02 -0.83 25.75
N ALA B 51 15.10 0.10 25.51
CA ALA B 51 13.66 -0.21 25.50
C ALA B 51 13.31 -1.42 24.65
N LEU B 52 13.96 -1.54 23.50
CA LEU B 52 13.73 -2.65 22.59
C LEU B 52 14.18 -3.97 23.18
N ARG B 53 15.35 -3.97 23.82
CA ARG B 53 15.84 -5.20 24.44
C ARG B 53 14.99 -5.63 25.64
N GLN B 54 14.37 -4.65 26.29
CA GLN B 54 13.40 -4.90 27.34
C GLN B 54 12.23 -5.69 26.76
N ARG B 55 11.61 -5.14 25.73
CA ARG B 55 10.44 -5.78 25.15
C ARG B 55 10.79 -7.06 24.42
N PHE B 56 12.00 -7.13 23.85
CA PHE B 56 12.39 -8.27 23.03
C PHE B 56 13.69 -8.93 23.48
N PRO B 57 13.63 -9.70 24.57
CA PRO B 57 14.79 -10.35 25.22
C PRO B 57 15.67 -11.15 24.24
N GLY B 58 15.04 -11.92 23.36
CA GLY B 58 15.80 -12.78 22.48
C GLY B 58 16.07 -12.20 21.11
N ALA B 59 15.84 -10.89 20.97
CA ALA B 59 16.04 -10.18 19.71
C ALA B 59 17.49 -10.11 19.23
N ARG B 60 17.69 -10.35 17.94
CA ARG B 60 18.98 -10.07 17.34
C ARG B 60 19.01 -8.63 16.86
N LEU B 61 19.63 -7.77 17.66
CA LEU B 61 19.56 -6.32 17.45
C LEU B 61 20.95 -5.68 17.43
N PHE B 62 21.15 -4.74 16.53
CA PHE B 62 22.39 -3.99 16.46
C PHE B 62 22.15 -2.49 16.22
N ALA B 63 22.54 -1.67 17.18
CA ALA B 63 22.35 -0.22 17.07
C ALA B 63 23.70 0.46 17.02
N SER B 64 23.82 1.44 16.11
CA SER B 64 25.09 2.14 15.96
C SER B 64 24.89 3.62 15.58
N VAL B 65 25.67 4.51 16.20
CA VAL B 65 25.68 5.91 15.81
C VAL B 65 26.28 6.02 14.42
N CYS B 66 25.68 6.85 13.57
CA CYS B 66 26.13 7.00 12.18
C CYS B 66 25.54 8.25 11.53
N ASP B 67 26.37 9.00 10.80
CA ASP B 67 25.89 10.16 10.06
C ASP B 67 25.73 9.73 8.62
N VAL B 68 24.48 9.67 8.18
CA VAL B 68 24.13 9.07 6.89
C VAL B 68 24.68 9.91 5.72
N LEU B 69 25.03 11.16 6.00
CA LEU B 69 25.64 12.02 4.98
C LEU B 69 27.11 11.68 4.75
N ASP B 70 27.70 11.00 5.73
CA ASP B 70 29.10 10.59 5.69
C ASP B 70 29.19 9.20 5.10
N ALA B 71 29.56 9.14 3.83
CA ALA B 71 29.61 7.88 3.09
C ALA B 71 30.46 6.83 3.81
N LEU B 72 31.51 7.31 4.47
CA LEU B 72 32.49 6.43 5.08
C LEU B 72 31.89 5.76 6.32
N GLN B 73 31.12 6.52 7.09
CA GLN B 73 30.45 5.96 8.26
C GLN B 73 29.37 4.99 7.84
N VAL B 74 28.69 5.27 6.73
CA VAL B 74 27.65 4.39 6.25
C VAL B 74 28.26 3.06 5.79
N ARG B 75 29.37 3.12 5.07
CA ARG B 75 30.08 1.93 4.62
C ARG B 75 30.47 1.05 5.81
N ALA B 76 30.93 1.69 6.89
CA ALA B 76 31.40 0.99 8.07
C ALA B 76 30.23 0.36 8.81
N PHE B 77 29.14 1.10 8.89
CA PHE B 77 27.93 0.58 9.51
C PHE B 77 27.39 -0.65 8.77
N ALA B 78 27.39 -0.62 7.44
CA ALA B 78 26.84 -1.73 6.66
C ALA B 78 27.73 -2.95 6.81
N GLU B 79 29.01 -2.70 7.03
CA GLU B 79 29.96 -3.77 7.30
C GLU B 79 29.70 -4.38 8.68
N ALA B 80 29.44 -3.53 9.67
CA ALA B 80 29.17 -4.00 11.02
C ALA B 80 27.89 -4.81 11.09
N CYS B 81 26.86 -4.35 10.39
CA CYS B 81 25.60 -5.08 10.28
C CYS B 81 25.83 -6.45 9.69
N GLU B 82 26.62 -6.48 8.63
CA GLU B 82 26.94 -7.69 7.91
C GLU B 82 27.61 -8.72 8.81
N ARG B 83 28.60 -8.29 9.60
CA ARG B 83 29.38 -9.21 10.43
C ARG B 83 28.65 -9.56 11.72
N THR B 84 27.64 -8.77 12.07
CA THR B 84 26.92 -9.01 13.32
C THR B 84 25.61 -9.78 13.12
N LEU B 85 24.87 -9.45 12.07
CA LEU B 85 23.54 -10.04 11.89
C LEU B 85 23.45 -10.86 10.61
N GLY B 86 24.38 -10.62 9.69
CA GLY B 86 24.31 -11.23 8.36
C GLY B 86 24.02 -10.20 7.25
N CYS B 87 23.99 -10.69 6.01
CA CYS B 87 23.66 -9.85 4.87
C CYS B 87 22.24 -9.29 5.00
N ALA B 88 22.08 -7.98 4.75
CA ALA B 88 20.75 -7.33 4.82
C ALA B 88 19.82 -7.78 3.68
N SER B 89 18.54 -7.93 4.00
CA SER B 89 17.52 -8.23 2.99
C SER B 89 16.48 -7.08 2.91
N ILE B 90 16.43 -6.25 3.96
CA ILE B 90 15.49 -5.14 4.03
C ILE B 90 16.22 -3.86 4.46
N LEU B 91 15.95 -2.77 3.75
CA LEU B 91 16.53 -1.47 4.04
C LEU B 91 15.42 -0.41 4.05
N VAL B 92 15.35 0.35 5.13
CA VAL B 92 14.40 1.44 5.26
C VAL B 92 15.14 2.74 5.55
N ASN B 93 14.87 3.76 4.74
CA ASN B 93 15.53 5.05 4.90
C ASN B 93 14.49 6.07 5.37
N ASN B 94 14.64 6.54 6.60
CA ASN B 94 13.66 7.46 7.17
C ASN B 94 13.58 8.85 6.51
N ALA B 95 12.42 9.50 6.65
CA ALA B 95 12.13 10.71 5.92
C ALA B 95 12.96 11.92 6.36
N GLY B 96 13.30 11.96 7.64
CA GLY B 96 13.97 13.13 8.17
C GLY B 96 12.90 14.19 8.30
N GLN B 97 13.26 15.36 8.79
CA GLN B 97 12.27 16.41 8.99
C GLN B 97 12.31 17.48 7.90
N GLY B 98 11.19 18.15 7.70
CA GLY B 98 11.06 19.13 6.65
C GLY B 98 11.57 20.50 7.08
N ARG B 99 11.84 21.34 6.09
CA ARG B 99 12.37 22.67 6.34
C ARG B 99 11.32 23.72 6.03
N VAL B 100 11.01 24.53 7.04
CA VAL B 100 10.08 25.64 6.91
C VAL B 100 10.77 26.85 6.28
N SER B 101 10.45 27.09 5.00
CA SER B 101 10.95 28.25 4.27
C SER B 101 10.26 28.36 2.93
N THR B 102 9.95 29.60 2.55
CA THR B 102 9.41 29.89 1.24
C THR B 102 10.59 30.02 0.32
N PHE B 103 10.35 30.15 -0.98
CA PHE B 103 11.43 30.43 -1.93
C PHE B 103 12.21 31.67 -1.50
N ALA B 104 11.48 32.72 -1.10
CA ALA B 104 12.09 34.00 -0.79
C ALA B 104 13.01 33.91 0.41
N GLU B 105 12.77 32.91 1.27
CA GLU B 105 13.56 32.70 2.49
C GLU B 105 14.77 31.75 2.33
N THR B 106 14.79 30.96 1.26
CA THR B 106 15.79 29.90 1.13
C THR B 106 17.02 30.35 0.34
N THR B 107 18.18 30.27 0.99
CA THR B 107 19.45 30.66 0.39
C THR B 107 20.01 29.50 -0.39
N ASP B 108 21.03 29.79 -1.20
CA ASP B 108 21.75 28.74 -1.91
C ASP B 108 22.21 27.65 -0.96
N GLU B 109 22.77 28.05 0.19
CA GLU B 109 23.32 27.10 1.15
C GLU B 109 22.21 26.23 1.75
N ALA B 110 21.07 26.85 2.06
CA ALA B 110 19.94 26.09 2.59
C ALA B 110 19.43 25.08 1.54
N TRP B 111 19.31 25.51 0.30
CA TRP B 111 19.01 24.63 -0.84
C TRP B 111 19.95 23.43 -0.92
N SER B 112 21.25 23.70 -0.84
CA SER B 112 22.25 22.64 -0.92
C SER B 112 22.17 21.69 0.27
N GLU B 113 21.97 22.26 1.45
CA GLU B 113 21.82 21.46 2.64
C GLU B 113 20.62 20.52 2.54
N GLU B 114 19.48 21.08 2.11
CA GLU B 114 18.24 20.32 2.03
C GLU B 114 18.34 19.20 0.99
N LEU B 115 18.89 19.52 -0.18
CA LEU B 115 19.06 18.57 -1.28
C LEU B 115 20.00 17.41 -0.94
N GLN B 116 21.12 17.72 -0.30
CA GLN B 116 22.08 16.70 0.11
C GLN B 116 21.52 15.84 1.23
N LEU B 117 20.81 16.47 2.15
CA LEU B 117 20.14 15.75 3.23
C LEU B 117 19.15 14.71 2.67
N LYS B 118 18.19 15.17 1.87
CA LYS B 118 17.18 14.26 1.35
C LYS B 118 17.75 13.20 0.41
N PHE B 119 18.68 13.61 -0.45
CA PHE B 119 19.23 12.70 -1.44
C PHE B 119 20.25 11.71 -0.89
N PHE B 120 21.24 12.20 -0.15
CA PHE B 120 22.31 11.32 0.29
C PHE B 120 21.89 10.42 1.44
N SER B 121 20.82 10.79 2.14
CA SER B 121 20.31 9.92 3.18
C SER B 121 19.76 8.63 2.56
N VAL B 122 19.52 8.68 1.25
CA VAL B 122 18.99 7.55 0.50
C VAL B 122 20.09 6.86 -0.29
N ILE B 123 20.85 7.67 -1.01
CA ILE B 123 21.91 7.19 -1.87
C ILE B 123 23.01 6.43 -1.12
N HIS B 124 23.42 6.94 0.04
CA HIS B 124 24.49 6.28 0.81
C HIS B 124 24.10 4.88 1.32
N PRO B 125 22.98 4.79 2.05
CA PRO B 125 22.61 3.47 2.60
C PRO B 125 22.33 2.48 1.48
N VAL B 126 21.72 2.96 0.40
CA VAL B 126 21.40 2.09 -0.73
C VAL B 126 22.69 1.63 -1.38
N ARG B 127 23.57 2.57 -1.73
CA ARG B 127 24.79 2.20 -2.41
C ARG B 127 25.64 1.22 -1.58
N ALA B 128 25.48 1.29 -0.26
CA ALA B 128 26.33 0.54 0.66
C ALA B 128 25.74 -0.82 1.01
N PHE B 129 24.41 -0.89 1.09
CA PHE B 129 23.74 -2.14 1.44
C PHE B 129 23.37 -3.00 0.24
N LEU B 130 23.31 -2.37 -0.94
CA LEU B 130 22.94 -3.07 -2.17
C LEU B 130 23.66 -4.43 -2.38
N PRO B 131 24.99 -4.48 -2.21
CA PRO B 131 25.68 -5.77 -2.38
C PRO B 131 25.07 -6.87 -1.49
N GLN B 132 24.68 -6.54 -0.25
CA GLN B 132 23.97 -7.49 0.60
C GLN B 132 22.55 -7.77 0.08
N LEU B 133 21.80 -6.71 -0.22
CA LEU B 133 20.41 -6.87 -0.66
C LEU B 133 20.34 -7.72 -1.92
N GLU B 134 21.30 -7.51 -2.80
CA GLU B 134 21.36 -8.18 -4.09
C GLU B 134 21.57 -9.67 -3.93
N SER B 135 22.17 -10.09 -2.82
CA SER B 135 22.46 -11.51 -2.61
C SER B 135 21.39 -12.19 -1.75
N ARG B 136 20.42 -11.42 -1.28
CA ARG B 136 19.34 -11.96 -0.45
C ARG B 136 18.02 -12.17 -1.22
N ALA B 137 17.23 -13.13 -0.77
CA ALA B 137 15.92 -13.35 -1.34
C ALA B 137 14.89 -12.44 -0.66
N ASP B 138 13.84 -12.05 -1.38
CA ASP B 138 12.82 -11.17 -0.83
C ASP B 138 13.39 -9.80 -0.44
N ALA B 139 14.44 -9.35 -1.14
CA ALA B 139 15.10 -8.09 -0.81
C ALA B 139 14.22 -6.88 -1.18
N ALA B 140 14.08 -5.93 -0.26
CA ALA B 140 13.20 -4.79 -0.51
C ALA B 140 13.74 -3.52 0.14
N ILE B 141 13.59 -2.40 -0.55
CA ILE B 141 14.02 -1.11 -0.04
C ILE B 141 12.81 -0.20 0.06
N VAL B 142 12.69 0.49 1.19
CA VAL B 142 11.59 1.46 1.36
C VAL B 142 12.17 2.82 1.75
N CYS B 143 11.89 3.83 0.93
CA CYS B 143 12.33 5.19 1.20
C CYS B 143 11.15 6.03 1.71
N VAL B 144 11.21 6.41 2.97
CA VAL B 144 10.11 7.14 3.57
C VAL B 144 10.20 8.56 3.03
N ASN B 145 9.06 9.10 2.60
CA ASN B 145 8.99 10.37 1.92
C ASN B 145 7.71 11.05 2.43
N SER B 146 7.38 12.26 1.94
CA SER B 146 6.15 12.94 2.40
C SER B 146 5.31 13.40 1.22
N LEU B 147 4.05 13.73 1.49
CA LEU B 147 3.12 14.07 0.42
C LEU B 147 3.59 15.31 -0.35
N LEU B 148 4.54 16.06 0.21
CA LEU B 148 5.09 17.24 -0.45
C LEU B 148 5.76 16.91 -1.78
N ALA B 149 6.20 15.66 -1.92
CA ALA B 149 6.85 15.20 -3.14
C ALA B 149 5.95 15.32 -4.38
N SER B 150 4.65 15.28 -4.16
CA SER B 150 3.72 15.34 -5.29
C SER B 150 2.73 16.49 -5.12
N GLN B 151 2.62 17.01 -3.91
CA GLN B 151 1.66 18.06 -3.62
C GLN B 151 2.30 19.07 -2.66
N PRO B 152 3.09 20.00 -3.22
CA PRO B 152 3.95 20.91 -2.44
C PRO B 152 3.15 21.83 -1.50
N GLU B 153 3.83 22.34 -0.47
CA GLU B 153 3.27 23.33 0.44
C GLU B 153 4.11 24.62 0.45
N PRO B 154 3.43 25.76 0.55
CA PRO B 154 4.00 27.12 0.42
C PRO B 154 5.17 27.39 1.36
N HIS B 155 5.13 26.79 2.54
CA HIS B 155 6.18 27.06 3.54
C HIS B 155 7.25 25.98 3.63
N MET B 156 7.34 25.13 2.61
CA MET B 156 8.30 24.05 2.59
C MET B 156 8.73 23.78 1.19
N VAL B 157 9.11 24.86 0.50
CA VAL B 157 9.43 24.82 -0.91
C VAL B 157 10.65 23.96 -1.24
N ALA B 158 11.75 24.20 -0.54
CA ALA B 158 12.97 23.43 -0.76
C ALA B 158 12.75 21.96 -0.44
N THR B 159 12.09 21.69 0.68
CA THR B 159 11.81 20.31 1.09
C THR B 159 10.94 19.58 0.05
N SER B 160 9.83 20.20 -0.34
CA SER B 160 8.98 19.67 -1.41
C SER B 160 9.74 19.30 -2.69
N ALA B 161 10.58 20.19 -3.17
CA ALA B 161 11.33 19.94 -4.40
C ALA B 161 12.30 18.79 -4.22
N ALA B 162 13.00 18.80 -3.08
CA ALA B 162 13.92 17.74 -2.73
C ALA B 162 13.21 16.38 -2.65
N ARG B 163 12.06 16.36 -1.99
CA ARG B 163 11.30 15.12 -1.82
C ARG B 163 10.77 14.61 -3.15
N ALA B 164 10.45 15.53 -4.06
CA ALA B 164 9.99 15.12 -5.38
C ALA B 164 11.12 14.44 -6.12
N GLY B 165 12.35 14.89 -5.88
CA GLY B 165 13.49 14.30 -6.53
C GLY B 165 13.66 12.86 -6.08
N VAL B 166 13.62 12.68 -4.78
CA VAL B 166 13.74 11.34 -4.19
C VAL B 166 12.63 10.39 -4.69
N LYS B 167 11.38 10.87 -4.72
CA LYS B 167 10.28 10.08 -5.24
C LYS B 167 10.60 9.57 -6.64
N ASN B 168 11.19 10.44 -7.46
CA ASN B 168 11.51 10.12 -8.82
C ASN B 168 12.66 9.09 -8.81
N LEU B 169 13.65 9.32 -7.96
CA LEU B 169 14.75 8.37 -7.77
C LEU B 169 14.24 6.97 -7.39
N VAL B 170 13.16 6.92 -6.60
CA VAL B 170 12.62 5.62 -6.19
C VAL B 170 12.16 4.80 -7.39
N ARG B 171 11.52 5.46 -8.35
CA ARG B 171 11.09 4.78 -9.57
C ARG B 171 12.34 4.23 -10.30
N SER B 172 13.31 5.10 -10.59
CA SER B 172 14.55 4.67 -11.23
C SER B 172 15.23 3.49 -10.51
N MET B 173 15.42 3.59 -9.19
CA MET B 173 16.08 2.52 -8.46
C MET B 173 15.29 1.22 -8.61
N ALA B 174 13.97 1.34 -8.62
CA ALA B 174 13.10 0.19 -8.73
C ALA B 174 13.33 -0.51 -10.07
N PHE B 175 13.49 0.27 -11.12
CA PHE B 175 13.68 -0.29 -12.44
C PHE B 175 15.07 -0.90 -12.62
N GLU B 176 16.07 -0.23 -12.05
CA GLU B 176 17.44 -0.67 -12.18
C GLU B 176 17.76 -1.88 -11.29
N PHE B 177 17.13 -1.97 -10.11
CA PHE B 177 17.44 -3.06 -9.17
C PHE B 177 16.56 -4.29 -9.37
N ALA B 178 15.52 -4.16 -10.18
CA ALA B 178 14.64 -5.30 -10.41
C ALA B 178 15.42 -6.50 -10.99
N PRO B 179 16.27 -6.28 -11.99
CA PRO B 179 17.10 -7.40 -12.49
C PRO B 179 18.02 -7.96 -11.42
N LYS B 180 18.11 -7.29 -10.28
CA LYS B 180 18.92 -7.79 -9.15
C LYS B 180 18.08 -8.45 -8.07
N GLY B 181 16.78 -8.53 -8.29
CA GLY B 181 15.89 -9.15 -7.32
C GLY B 181 15.60 -8.26 -6.13
N VAL B 182 15.70 -6.95 -6.35
CA VAL B 182 15.45 -6.02 -5.25
C VAL B 182 14.28 -5.09 -5.55
N ARG B 183 13.29 -5.09 -4.67
CA ARG B 183 12.15 -4.19 -4.84
C ARG B 183 12.47 -2.84 -4.17
N VAL B 184 11.95 -1.76 -4.75
CA VAL B 184 12.14 -0.43 -4.19
C VAL B 184 10.83 0.33 -4.20
N ASN B 185 10.35 0.67 -3.01
CA ASN B 185 9.14 1.49 -2.90
C ASN B 185 9.34 2.60 -1.88
N GLY B 186 8.28 3.38 -1.67
CA GLY B 186 8.28 4.39 -0.65
C GLY B 186 6.90 4.65 -0.09
N ILE B 187 6.82 5.57 0.86
CA ILE B 187 5.51 6.01 1.33
C ILE B 187 5.46 7.53 1.33
N LEU B 188 4.25 8.08 1.42
CA LEU B 188 4.10 9.52 1.42
C LEU B 188 3.32 9.91 2.66
N ILE B 189 4.02 10.28 3.71
CA ILE B 189 3.33 10.67 4.93
C ILE B 189 2.66 12.03 4.80
N GLY B 190 1.52 12.16 5.45
CA GLY B 190 0.90 13.45 5.65
C GLY B 190 1.48 14.09 6.90
N LEU B 191 0.63 14.69 7.72
CA LEU B 191 1.06 15.18 9.02
C LEU B 191 1.02 14.04 10.04
N VAL B 192 2.18 13.69 10.58
CA VAL B 192 2.29 12.62 11.58
C VAL B 192 2.81 13.15 12.89
N GLU B 193 2.20 12.72 13.99
CA GLU B 193 2.67 13.13 15.32
C GLU B 193 4.19 13.00 15.44
N SER B 194 4.84 14.08 15.87
CA SER B 194 6.29 14.13 16.01
C SER B 194 6.73 15.11 17.09
N GLY B 195 8.03 15.13 17.39
CA GLY B 195 8.58 16.05 18.37
C GLY B 195 8.40 17.51 17.95
N GLN B 196 8.45 17.77 16.65
CA GLN B 196 8.28 19.11 16.13
C GLN B 196 6.83 19.58 16.26
N TRP B 197 5.89 18.65 16.22
CA TRP B 197 4.51 18.98 16.53
C TRP B 197 4.31 19.13 18.04
N ARG B 198 5.06 18.37 18.81
CA ARG B 198 4.91 18.40 20.27
C ARG B 198 5.43 19.70 20.87
N ARG B 199 6.30 20.36 20.11
CA ARG B 199 6.86 21.63 20.55
C ARG B 199 5.98 22.78 20.08
N ARG B 200 5.29 22.58 18.96
CA ARG B 200 4.26 23.50 18.51
C ARG B 200 3.11 23.45 19.51
N PHE B 201 2.79 22.24 19.96
CA PHE B 201 1.78 22.06 21.00
C PHE B 201 2.10 22.81 22.27
N GLU B 202 3.34 22.70 22.74
CA GLU B 202 3.74 23.39 23.96
C GLU B 202 3.80 24.91 23.83
N ALA B 203 3.67 25.41 22.60
CA ALA B 203 3.66 26.85 22.35
C ALA B 203 2.23 27.37 22.19
N ARG B 204 1.26 26.48 22.34
CA ARG B 204 -0.13 26.82 22.10
C ARG B 204 -0.60 27.93 23.05
N GLU B 205 -1.58 28.70 22.60
CA GLU B 205 -2.22 29.67 23.46
C GLU B 205 -3.37 29.00 24.24
N GLU B 206 -4.03 28.04 23.63
CA GLU B 206 -5.15 27.38 24.28
C GLU B 206 -4.67 26.29 25.21
N ARG B 207 -4.37 26.67 26.45
CA ARG B 207 -3.76 25.78 27.43
C ARG B 207 -4.70 24.68 27.87
N GLU B 208 -5.99 24.94 27.81
CA GLU B 208 -6.97 23.95 28.25
C GLU B 208 -7.00 22.74 27.31
N LEU B 209 -6.59 22.95 26.05
CA LEU B 209 -6.52 21.87 25.10
C LEU B 209 -5.39 20.90 25.45
N ASP B 210 -5.68 19.60 25.44
CA ASP B 210 -4.63 18.60 25.60
C ASP B 210 -4.07 18.17 24.24
N TRP B 211 -3.11 17.26 24.28
CA TRP B 211 -2.42 16.81 23.06
C TRP B 211 -3.43 16.29 22.05
N ALA B 212 -4.39 15.50 22.50
CA ALA B 212 -5.36 14.93 21.59
C ALA B 212 -6.33 15.97 21.04
N GLN B 213 -6.83 16.86 21.91
CA GLN B 213 -7.77 17.89 21.47
C GLN B 213 -7.05 18.84 20.52
N TRP B 214 -5.79 19.13 20.82
CA TRP B 214 -5.02 20.11 20.07
C TRP B 214 -4.74 19.58 18.66
N THR B 215 -4.15 18.38 18.60
CA THR B 215 -3.82 17.81 17.29
C THR B 215 -5.06 17.65 16.43
N ALA B 216 -6.22 17.46 17.06
CA ALA B 216 -7.47 17.26 16.34
C ALA B 216 -7.88 18.57 15.71
N GLN B 217 -7.77 19.64 16.50
CA GLN B 217 -8.04 20.97 16.00
C GLN B 217 -7.07 21.35 14.86
N LEU B 218 -5.82 20.92 14.98
CA LEU B 218 -4.81 21.20 13.96
C LEU B 218 -5.18 20.48 12.67
N ALA B 219 -5.62 19.24 12.79
CA ALA B 219 -5.97 18.45 11.62
C ALA B 219 -7.17 19.06 10.91
N ARG B 220 -8.10 19.61 11.69
CA ARG B 220 -9.25 20.29 11.14
C ARG B 220 -8.80 21.51 10.35
N ASN B 221 -7.92 22.30 10.96
CA ASN B 221 -7.43 23.51 10.28
C ASN B 221 -6.55 23.17 9.07
N LYS B 222 -5.96 21.97 9.08
CA LYS B 222 -5.18 21.50 7.95
C LYS B 222 -6.07 20.79 6.95
N GLN B 223 -7.36 20.69 7.25
CA GLN B 223 -8.34 20.05 6.36
C GLN B 223 -7.98 18.59 6.01
N ILE B 224 -7.57 17.83 7.02
CA ILE B 224 -7.35 16.41 6.84
C ILE B 224 -8.69 15.71 7.03
N PRO B 225 -9.14 15.01 5.98
CA PRO B 225 -10.42 14.28 6.02
C PRO B 225 -10.57 13.39 7.26
N LEU B 226 -9.53 12.62 7.59
CA LEU B 226 -9.60 11.70 8.72
C LEU B 226 -9.69 12.43 10.07
N GLY B 227 -9.44 13.74 10.05
CA GLY B 227 -9.64 14.59 11.20
C GLY B 227 -8.69 14.33 12.37
N ARG B 228 -7.44 13.98 12.07
CA ARG B 228 -6.45 13.74 13.10
C ARG B 228 -5.09 13.62 12.45
N LEU B 229 -4.03 13.80 13.25
CA LEU B 229 -2.69 13.53 12.78
C LEU B 229 -2.47 12.02 12.71
N GLY B 230 -1.56 11.56 11.84
CA GLY B 230 -1.22 10.15 11.82
C GLY B 230 -0.35 9.78 13.00
N LYS B 231 -0.20 8.47 13.22
CA LYS B 231 0.69 8.00 14.26
C LYS B 231 1.84 7.25 13.64
N PRO B 232 3.03 7.37 14.25
CA PRO B 232 4.25 6.72 13.76
C PRO B 232 3.99 5.29 13.36
N ILE B 233 3.22 4.57 14.17
CA ILE B 233 2.96 3.16 13.91
C ILE B 233 2.15 2.92 12.64
N GLU B 234 1.29 3.86 12.29
CA GLU B 234 0.55 3.74 11.03
C GLU B 234 1.51 3.85 9.84
N ALA B 235 2.40 4.83 9.86
CA ALA B 235 3.44 4.90 8.83
C ALA B 235 4.27 3.60 8.83
N ALA B 236 4.65 3.14 10.02
CA ALA B 236 5.48 1.95 10.13
C ALA B 236 4.82 0.73 9.52
N ARG B 237 3.50 0.62 9.64
CA ARG B 237 2.80 -0.53 9.09
C ARG B 237 2.84 -0.58 7.57
N ALA B 238 2.78 0.59 6.94
CA ALA B 238 2.83 0.67 5.50
C ALA B 238 4.24 0.33 5.04
N ILE B 239 5.23 0.79 5.80
CA ILE B 239 6.61 0.44 5.52
C ILE B 239 6.79 -1.07 5.65
N LEU B 240 6.19 -1.63 6.69
CA LEU B 240 6.26 -3.07 6.91
C LEU B 240 5.61 -3.80 5.76
N PHE B 241 4.47 -3.31 5.32
CA PHE B 241 3.79 -3.94 4.19
C PHE B 241 4.74 -4.01 2.97
N LEU B 242 5.29 -2.85 2.60
CA LEU B 242 6.16 -2.69 1.44
C LEU B 242 7.51 -3.41 1.58
N ALA B 243 7.99 -3.52 2.82
CA ALA B 243 9.28 -4.16 3.09
C ALA B 243 9.21 -5.70 3.07
N SER B 244 8.03 -6.25 3.38
CA SER B 244 7.87 -7.70 3.49
C SER B 244 7.43 -8.37 2.18
N PRO B 245 7.42 -9.71 2.13
CA PRO B 245 6.90 -10.49 0.99
C PRO B 245 5.41 -10.27 0.72
N LEU B 246 4.70 -9.64 1.64
CA LEU B 246 3.29 -9.36 1.42
C LEU B 246 3.12 -8.50 0.16
N SER B 247 4.13 -7.71 -0.18
CA SER B 247 4.00 -6.84 -1.36
C SER B 247 4.97 -7.26 -2.48
N ALA B 248 5.10 -8.57 -2.64
CA ALA B 248 6.07 -9.14 -3.58
C ALA B 248 5.89 -8.69 -5.04
N TYR B 249 4.70 -8.20 -5.41
CA TYR B 249 4.51 -7.78 -6.80
C TYR B 249 4.41 -6.25 -6.95
N THR B 250 4.94 -5.54 -5.95
CA THR B 250 4.86 -4.08 -5.90
C THR B 250 6.25 -3.47 -5.87
N THR B 251 6.63 -2.74 -6.91
CA THR B 251 7.91 -2.08 -6.90
C THR B 251 7.85 -0.80 -7.73
N GLY B 252 8.60 0.21 -7.29
CA GLY B 252 8.61 1.49 -7.99
C GLY B 252 7.37 2.31 -7.73
N SER B 253 6.71 2.06 -6.58
CA SER B 253 5.46 2.75 -6.24
C SER B 253 5.54 3.41 -4.86
N HIS B 254 4.44 4.05 -4.47
CA HIS B 254 4.34 4.68 -3.16
C HIS B 254 3.00 4.36 -2.51
N ILE B 255 2.94 4.42 -1.19
CA ILE B 255 1.68 4.26 -0.50
C ILE B 255 1.38 5.57 0.21
N ASP B 256 0.14 6.03 0.03
CA ASP B 256 -0.34 7.25 0.66
C ASP B 256 -0.65 7.04 2.16
N VAL B 257 -0.04 7.85 3.01
CA VAL B 257 -0.29 7.76 4.46
C VAL B 257 -0.51 9.17 5.01
N SER B 258 -1.43 9.90 4.38
CA SER B 258 -1.65 11.31 4.65
C SER B 258 -3.04 11.56 5.20
N GLY B 259 -3.84 10.50 5.30
CA GLY B 259 -5.16 10.66 5.88
C GLY B 259 -6.12 11.42 4.97
N GLY B 260 -5.97 11.21 3.66
CA GLY B 260 -6.82 11.85 2.66
C GLY B 260 -6.44 13.20 2.10
N LEU B 261 -5.24 13.68 2.40
CA LEU B 261 -4.82 15.01 1.96
C LEU B 261 -4.52 15.16 0.47
N SER B 262 -4.23 14.04 -0.19
CA SER B 262 -3.88 14.13 -1.61
C SER B 262 -5.08 14.47 -2.47
N ARG B 263 -5.10 15.66 -3.05
CA ARG B 263 -6.22 16.09 -3.89
C ARG B 263 -6.24 15.41 -5.29
N HIS B 264 -5.09 14.88 -5.71
CA HIS B 264 -4.95 14.38 -7.08
C HIS B 264 -5.62 13.03 -7.19
N ALA B 265 -6.26 12.76 -8.32
CA ALA B 265 -6.83 11.44 -8.55
C ALA B 265 -6.14 10.83 -9.77
CL CL C . -8.25 -4.36 -16.97
MN MN D . 1.59 12.69 -11.25
CL CL E . 8.38 16.87 5.12
MN MN F . -1.57 11.68 -12.31
MN MN G . 32.06 -8.05 4.82
#